data_6AMK
#
_entry.id   6AMK
#
_cell.length_a   114.200
_cell.length_b   114.200
_cell.length_c   159.000
_cell.angle_alpha   90.000
_cell.angle_beta   90.000
_cell.angle_gamma   120.000
#
_symmetry.space_group_name_H-M   'P 61 2 2'
#
loop_
_entity.id
_entity.type
_entity.pdbx_description
1 polymer 'Putative DNA-binding protein'
2 polymer "DNA (5'-D(*TP*TP*CP*AP*AP*TP*TP*CP*GP*GP*GP*TP*AP*AP*TP*TP*CP*GP*GP*GP*CP*A)-3')"
3 polymer "DNA (5'-D(*AP*AP*TP*GP*TP*CP*CP*GP*AP*AP*TP*TP*AP*CP*CP*CP*GP*AP*AP*TP*TP*G)-3')"
#
loop_
_entity_poly.entity_id
_entity_poly.type
_entity_poly.pdbx_seq_one_letter_code
_entity_poly.pdbx_strand_id
1 'polypeptide(L)'
;GSH(MSE)TARTPDAEPPLLTPAEVAT(MSE)FRVDPKTVTRWAKAGKLTSIRT(MSE)GGHRRYREAEVRAL(MSE)AG
IPQQRSEA
;
A,B
2 'polydeoxyribonucleotide'
;(DT)(DT)(DC)(DA)(DA)(DT)(DT)(DC)(DG)(DG)(DG)(DT)(DA)(DA)(DT)(DT)(DC)(DG)(DG)(DG)
(DC)(DA)
;
R
3 'polydeoxyribonucleotide'
;(DA)(DA)(DT)(DG)(DT)(DC)(DC)(DG)(DA)(DA)(DT)(DT)(DA)(DC)(DC)(DC)(DG)(DA)(DA)(DT)
(DT)(DG)
;
Z
#
loop_
_chem_comp.id
_chem_comp.type
_chem_comp.name
_chem_comp.formula
DA DNA linking 2'-DEOXYADENOSINE-5'-MONOPHOSPHATE 'C10 H14 N5 O6 P'
DC DNA linking 2'-DEOXYCYTIDINE-5'-MONOPHOSPHATE 'C9 H14 N3 O7 P'
DG DNA linking 2'-DEOXYGUANOSINE-5'-MONOPHOSPHATE 'C10 H14 N5 O7 P'
DT DNA linking THYMIDINE-5'-MONOPHOSPHATE 'C10 H15 N2 O8 P'
#
# COMPACT_ATOMS: atom_id res chain seq x y z
N PRO A 13 13.93 -2.52 19.94
CA PRO A 13 12.80 -2.29 19.05
C PRO A 13 13.01 -2.95 17.70
N PRO A 14 11.96 -3.56 17.15
CA PRO A 14 12.04 -4.24 15.84
C PRO A 14 12.17 -3.25 14.68
N LEU A 15 12.97 -3.60 13.68
CA LEU A 15 13.15 -2.72 12.53
C LEU A 15 12.84 -3.42 11.21
N LEU A 16 12.34 -2.65 10.24
CA LEU A 16 12.00 -3.18 8.92
C LEU A 16 12.90 -2.60 7.82
N THR A 17 13.28 -3.44 6.87
CA THR A 17 14.03 -3.01 5.69
C THR A 17 13.03 -2.40 4.70
N PRO A 18 13.49 -1.50 3.83
CA PRO A 18 12.56 -0.82 2.92
C PRO A 18 11.82 -1.77 1.96
N ALA A 19 12.39 -2.95 1.70
CA ALA A 19 11.72 -3.94 0.88
C ALA A 19 10.48 -4.53 1.56
N GLU A 20 10.50 -4.64 2.88
CA GLU A 20 9.35 -5.22 3.60
C GLU A 20 8.21 -4.20 3.71
N VAL A 21 8.56 -2.95 4.01
CA VAL A 21 7.59 -1.86 3.98
C VAL A 21 6.94 -1.83 2.60
N ALA A 22 7.79 -1.78 1.59
CA ALA A 22 7.39 -1.85 0.19
C ALA A 22 6.33 -2.93 -0.03
N THR A 23 6.60 -4.10 0.51
CA THR A 23 5.70 -5.24 0.40
C THR A 23 4.35 -5.00 1.08
N MSE A 24 4.37 -4.46 2.30
CA MSE A 24 3.11 -4.32 3.03
C MSE A 24 2.21 -3.25 2.40
O MSE A 24 0.98 -3.36 2.49
CB MSE A 24 3.36 -4.01 4.52
CG MSE A 24 4.01 -2.68 4.86
SE MSE A 24 5.13 -2.76 6.48
CE MSE A 24 5.51 -4.66 6.52
N PHE A 25 2.79 -2.25 1.73
CA PHE A 25 1.94 -1.30 1.00
C PHE A 25 1.68 -1.69 -0.47
N ARG A 26 2.38 -2.72 -0.95
CA ARG A 26 2.36 -3.12 -2.38
C ARG A 26 2.76 -1.90 -3.23
N VAL A 27 4.05 -1.59 -3.13
CA VAL A 27 4.65 -0.31 -3.50
C VAL A 27 6.15 -0.51 -3.73
N ASP A 28 6.73 0.09 -4.77
CA ASP A 28 8.18 -0.06 -5.00
C ASP A 28 9.02 0.58 -3.90
N PRO A 29 10.06 -0.13 -3.43
CA PRO A 29 10.92 0.32 -2.32
C PRO A 29 11.43 1.75 -2.45
N LYS A 30 11.71 2.16 -3.69
CA LYS A 30 12.06 3.55 -3.96
C LYS A 30 11.02 4.50 -3.34
N THR A 31 9.75 4.17 -3.52
CA THR A 31 8.67 5.04 -3.07
C THR A 31 8.66 5.13 -1.55
N VAL A 32 8.97 4.04 -0.87
CA VAL A 32 9.13 4.09 0.58
C VAL A 32 10.26 5.06 0.93
N THR A 33 11.38 4.98 0.20
CA THR A 33 12.49 5.94 0.40
C THR A 33 12.05 7.38 0.20
N ARG A 34 11.14 7.59 -0.74
CA ARG A 34 10.60 8.92 -1.00
C ARG A 34 9.77 9.37 0.19
N TRP A 35 8.96 8.46 0.72
CA TRP A 35 8.10 8.75 1.88
C TRP A 35 8.95 9.16 3.07
N ALA A 36 10.07 8.47 3.28
CA ALA A 36 11.00 8.87 4.33
C ALA A 36 11.57 10.25 4.05
N LYS A 37 12.13 10.40 2.86
CA LYS A 37 12.77 11.63 2.41
C LYS A 37 11.85 12.86 2.44
N ALA A 38 10.54 12.62 2.53
CA ALA A 38 9.57 13.71 2.51
C ALA A 38 8.82 13.83 3.83
N GLY A 39 9.48 13.45 4.92
CA GLY A 39 8.93 13.66 6.25
C GLY A 39 7.81 12.75 6.69
N LYS A 40 7.13 12.12 5.73
CA LYS A 40 5.96 11.29 6.03
C LYS A 40 6.31 10.06 6.88
N LEU A 41 7.59 9.69 6.91
CA LEU A 41 7.98 8.48 7.62
C LEU A 41 9.31 8.63 8.35
N THR A 42 9.32 8.17 9.61
CA THR A 42 10.52 8.19 10.45
C THR A 42 11.57 7.19 9.94
N SER A 43 12.79 7.66 9.65
CA SER A 43 13.84 6.80 9.11
C SER A 43 15.07 6.71 10.02
N ILE A 44 15.59 5.50 10.18
CA ILE A 44 16.85 5.30 10.90
C ILE A 44 17.93 4.91 9.88
N ARG A 45 19.13 5.45 9.97
CA ARG A 45 20.12 5.06 8.98
C ARG A 45 21.25 4.23 9.55
N THR A 46 21.57 3.15 8.86
CA THR A 46 22.69 2.29 9.22
C THR A 46 23.98 3.03 8.89
N MSE A 47 25.12 2.51 9.33
CA MSE A 47 26.41 3.16 9.17
C MSE A 47 26.79 3.48 7.72
O MSE A 47 27.70 4.25 7.45
CB MSE A 47 27.51 2.30 9.79
CG MSE A 47 27.76 1.00 9.04
SE MSE A 47 28.83 -0.32 10.00
CE MSE A 47 27.41 -1.22 10.99
N GLY A 48 26.08 2.87 6.76
CA GLY A 48 26.38 3.07 5.36
C GLY A 48 25.37 4.01 4.75
N GLY A 49 24.26 4.20 5.45
CA GLY A 49 23.26 5.16 5.03
C GLY A 49 22.00 4.55 4.43
N HIS A 50 21.83 3.24 4.57
CA HIS A 50 20.59 2.59 4.15
C HIS A 50 19.50 2.85 5.17
N ARG A 51 18.26 3.00 4.71
CA ARG A 51 17.17 3.27 5.64
C ARG A 51 16.60 2.01 6.29
N ARG A 52 16.24 2.13 7.57
CA ARG A 52 15.47 1.12 8.29
C ARG A 52 14.35 1.83 9.06
N TYR A 53 13.12 1.33 8.87
CA TYR A 53 11.94 1.99 9.40
C TYR A 53 11.38 1.25 10.62
N ARG A 54 10.51 1.89 11.39
CA ARG A 54 10.02 1.30 12.63
C ARG A 54 8.64 0.68 12.48
N GLU A 55 8.63 -0.66 12.51
CA GLU A 55 7.44 -1.51 12.43
C GLU A 55 6.17 -0.94 13.09
N ALA A 56 6.32 -0.61 14.36
CA ALA A 56 5.22 -0.10 15.18
C ALA A 56 4.53 1.10 14.51
N GLU A 57 5.31 2.15 14.22
CA GLU A 57 4.80 3.33 13.52
C GLU A 57 4.15 2.98 12.19
N VAL A 58 4.74 2.03 11.48
CA VAL A 58 4.25 1.64 10.18
C VAL A 58 2.85 1.03 10.24
N ARG A 59 2.52 0.27 11.29
CA ARG A 59 1.08 -0.06 11.42
C ARG A 59 0.30 0.96 12.28
N ALA A 60 0.99 1.94 12.84
CA ALA A 60 0.28 3.11 13.36
C ALA A 60 -0.31 3.83 12.17
N LEU A 61 0.23 3.54 10.99
CA LEU A 61 -0.33 4.05 9.74
C LEU A 61 -1.37 3.14 9.09
N MSE A 62 -1.57 1.94 9.64
CA MSE A 62 -2.72 1.14 9.22
C MSE A 62 -3.87 1.52 10.14
O MSE A 62 -5.04 1.31 9.80
CB MSE A 62 -2.45 -0.37 9.31
CG MSE A 62 -2.48 -0.96 10.70
SE MSE A 62 -2.50 -2.89 10.68
CE MSE A 62 -0.94 -3.17 9.52
N ALA A 63 -3.53 2.09 11.29
CA ALA A 63 -4.54 2.68 12.16
C ALA A 63 -5.19 3.90 11.49
N GLY A 64 -4.40 4.68 10.76
CA GLY A 64 -4.91 5.87 10.11
C GLY A 64 -5.75 5.56 8.88
N PRO B 14 -1.71 -10.46 0.56
CA PRO B 14 -1.47 -9.92 -0.78
C PRO B 14 -2.37 -8.73 -1.13
N LEU B 15 -1.83 -7.77 -1.88
CA LEU B 15 -2.58 -6.61 -2.34
C LEU B 15 -2.54 -6.45 -3.86
N LEU B 16 -3.56 -5.83 -4.43
CA LEU B 16 -3.64 -5.61 -5.88
C LEU B 16 -3.71 -4.13 -6.24
N THR B 17 -3.16 -3.75 -7.39
CA THR B 17 -3.20 -2.37 -7.84
C THR B 17 -4.52 -2.12 -8.58
N PRO B 18 -4.94 -0.84 -8.70
CA PRO B 18 -6.19 -0.53 -9.39
C PRO B 18 -6.22 -0.94 -10.86
N ALA B 19 -5.04 -0.96 -11.50
CA ALA B 19 -4.94 -1.43 -12.88
C ALA B 19 -5.26 -2.91 -13.00
N GLU B 20 -4.65 -3.72 -12.13
CA GLU B 20 -4.91 -5.17 -12.07
C GLU B 20 -6.40 -5.44 -11.87
N VAL B 21 -6.98 -4.76 -10.88
CA VAL B 21 -8.39 -4.99 -10.57
C VAL B 21 -9.22 -4.53 -11.79
N ALA B 22 -8.73 -3.52 -12.51
CA ALA B 22 -9.34 -3.09 -13.77
C ALA B 22 -9.33 -4.17 -14.85
N THR B 23 -8.21 -4.88 -14.95
CA THR B 23 -8.04 -5.92 -15.96
C THR B 23 -8.93 -7.11 -15.69
N MSE B 24 -9.03 -7.52 -14.42
CA MSE B 24 -9.75 -8.75 -14.10
C MSE B 24 -11.25 -8.69 -14.41
O MSE B 24 -11.83 -9.69 -14.86
CB MSE B 24 -9.54 -9.12 -12.63
CG MSE B 24 -10.14 -8.18 -11.62
SE MSE B 24 -9.12 -8.13 -9.96
CE MSE B 24 -7.64 -9.29 -10.47
N PHE B 25 -11.87 -7.53 -14.18
CA PHE B 25 -13.28 -7.35 -14.52
C PHE B 25 -13.46 -6.82 -15.94
N ARG B 26 -12.34 -6.54 -16.59
CA ARG B 26 -12.34 -5.86 -17.89
C ARG B 26 -13.13 -4.56 -17.80
N VAL B 27 -12.78 -3.73 -16.83
CA VAL B 27 -13.42 -2.43 -16.63
C VAL B 27 -12.34 -1.36 -16.45
N ASP B 28 -12.68 -0.11 -16.74
CA ASP B 28 -11.78 1.03 -16.56
C ASP B 28 -11.42 1.22 -15.09
N PRO B 29 -10.12 1.40 -14.80
CA PRO B 29 -9.66 1.50 -13.39
C PRO B 29 -10.34 2.62 -12.58
N LYS B 30 -10.90 3.63 -13.25
CA LYS B 30 -11.65 4.67 -12.56
C LYS B 30 -12.94 4.09 -11.98
N THR B 31 -13.43 3.04 -12.62
CA THR B 31 -14.66 2.39 -12.18
C THR B 31 -14.36 1.56 -10.93
N VAL B 32 -13.15 1.00 -10.87
CA VAL B 32 -12.65 0.34 -9.67
C VAL B 32 -12.60 1.35 -8.53
N THR B 33 -11.99 2.50 -8.81
CA THR B 33 -11.99 3.65 -7.90
C THR B 33 -13.42 4.00 -7.41
N ARG B 34 -14.38 3.81 -8.31
CA ARG B 34 -15.78 4.09 -8.03
C ARG B 34 -16.50 3.03 -7.20
N TRP B 35 -16.01 1.80 -7.28
CA TRP B 35 -16.52 0.71 -6.47
C TRP B 35 -15.92 0.83 -5.10
N ALA B 36 -14.79 1.53 -5.04
CA ALA B 36 -14.15 1.86 -3.79
C ALA B 36 -14.89 3.01 -3.10
N LYS B 37 -15.32 3.99 -3.90
CA LYS B 37 -16.22 5.04 -3.44
C LYS B 37 -17.36 4.44 -2.62
N ALA B 38 -18.25 3.77 -3.36
CA ALA B 38 -19.58 3.44 -2.88
C ALA B 38 -19.62 2.28 -1.87
N GLY B 39 -18.47 1.87 -1.37
CA GLY B 39 -18.43 0.98 -0.23
C GLY B 39 -18.32 -0.53 -0.44
N LYS B 40 -18.60 -1.04 -1.63
CA LYS B 40 -18.54 -2.48 -1.82
C LYS B 40 -17.15 -2.96 -2.24
N LEU B 41 -16.13 -2.17 -1.94
CA LEU B 41 -14.74 -2.58 -2.07
C LEU B 41 -13.86 -1.87 -1.03
N THR B 42 -13.34 -2.64 -0.08
CA THR B 42 -12.45 -2.08 0.93
C THR B 42 -11.12 -1.69 0.29
N SER B 43 -10.71 -0.44 0.52
CA SER B 43 -9.50 0.06 -0.10
C SER B 43 -8.50 0.53 0.94
N ILE B 44 -7.27 0.05 0.82
CA ILE B 44 -6.16 0.54 1.63
C ILE B 44 -5.52 1.68 0.87
N ARG B 45 -5.13 2.77 1.51
CA ARG B 45 -4.53 3.83 0.73
C ARG B 45 -3.03 4.01 0.97
N THR B 46 -2.31 4.17 -0.14
CA THR B 46 -0.93 4.59 -0.15
C THR B 46 -0.87 5.99 0.40
N MSE B 47 0.24 6.36 1.06
CA MSE B 47 0.27 7.66 1.72
C MSE B 47 0.42 8.81 0.72
O MSE B 47 0.48 9.99 1.08
CB MSE B 47 1.37 7.69 2.78
CG MSE B 47 2.79 7.55 2.28
SE MSE B 47 3.99 7.38 3.81
CE MSE B 47 3.21 5.75 4.53
N GLY B 48 0.47 8.46 -0.57
CA GLY B 48 0.31 9.43 -1.63
C GLY B 48 -1.16 9.50 -2.04
N GLY B 49 -1.97 8.62 -1.46
CA GLY B 49 -3.40 8.63 -1.72
C GLY B 49 -3.86 7.68 -2.82
N HIS B 50 -2.98 6.77 -3.23
CA HIS B 50 -3.34 5.76 -4.22
C HIS B 50 -4.03 4.57 -3.58
N ARG B 51 -4.82 3.85 -4.36
CA ARG B 51 -5.56 2.71 -3.81
C ARG B 51 -4.77 1.41 -3.95
N ARG B 52 -4.83 0.57 -2.93
CA ARG B 52 -4.41 -0.83 -3.03
C ARG B 52 -5.57 -1.66 -2.49
N TYR B 53 -6.02 -2.64 -3.26
CA TYR B 53 -7.21 -3.38 -2.87
C TYR B 53 -6.86 -4.76 -2.32
N ARG B 54 -7.43 -5.08 -1.16
CA ARG B 54 -7.27 -6.40 -0.57
C ARG B 54 -7.84 -7.44 -1.52
N GLU B 55 -7.04 -8.43 -1.88
CA GLU B 55 -7.35 -9.33 -3.00
C GLU B 55 -8.39 -10.40 -2.60
N ALA B 56 -8.66 -10.53 -1.30
CA ALA B 56 -9.69 -11.45 -0.83
C ALA B 56 -11.09 -10.97 -1.23
N GLU B 57 -11.37 -9.70 -0.93
CA GLU B 57 -12.62 -9.06 -1.32
C GLU B 57 -12.83 -9.18 -2.83
N VAL B 58 -11.72 -9.04 -3.53
CA VAL B 58 -11.74 -9.16 -4.97
C VAL B 58 -12.02 -10.59 -5.40
N ARG B 59 -11.78 -11.55 -4.52
CA ARG B 59 -12.32 -12.88 -4.80
C ARG B 59 -13.83 -12.90 -4.56
N ALA B 60 -14.26 -12.33 -3.43
CA ALA B 60 -15.68 -12.21 -3.13
C ALA B 60 -16.48 -11.62 -4.30
N LEU B 61 -15.82 -10.83 -5.14
CA LEU B 61 -16.49 -10.26 -6.32
C LEU B 61 -16.51 -11.17 -7.55
N MSE B 62 -15.82 -12.30 -7.50
CA MSE B 62 -15.99 -13.33 -8.52
C MSE B 62 -16.93 -14.38 -7.96
O MSE B 62 -17.51 -15.19 -8.69
CB MSE B 62 -14.65 -13.96 -8.94
CG MSE B 62 -14.00 -14.87 -7.91
SE MSE B 62 -12.14 -15.20 -8.33
CE MSE B 62 -11.57 -13.34 -8.60
N ALA B 63 -17.06 -14.35 -6.63
CA ALA B 63 -18.06 -15.14 -5.94
C ALA B 63 -19.43 -14.51 -6.16
N GLY B 64 -19.42 -13.25 -6.56
CA GLY B 64 -20.63 -12.54 -6.92
C GLY B 64 -20.64 -12.25 -8.41
#